data_5M1I
#
_entry.id   5M1I
#
_cell.length_a   66.903
_cell.length_b   96.239
_cell.length_c   97.589
_cell.angle_alpha   90.00
_cell.angle_beta   90.00
_cell.angle_gamma   90.00
#
_symmetry.space_group_name_H-M   'P 21 21 21'
#
loop_
_entity.id
_entity.type
_entity.pdbx_description
1 polymer Alpha-galactosidase
2 non-polymer 'SULFATE ION'
3 non-polymer (1~{R},2~{S},3~{S},4~{S},6~{R})-4-fluoranyl-1-(hydroxymethyl)bicyclo[4.1.0]heptane-2,3-diol
4 non-polymer 1,2-ETHANEDIOL
5 water water
#
_entity_poly.entity_id   1
_entity_poly.type   'polypeptide(L)'
_entity_poly.pdbx_seq_one_letter_code
;MGSSHHHHHHSSGLVPRGSHMASMEIFGKTFREGRFVLKEKNFTVEFAVEKIHLGWKISGRVKGSPGRLEVLRTKAPEKV
LVNNWQSWGPCRVVDAFSFKPPEIDPNWRYTASVVPDVLERNLQSDYFVAEEGKVYGFLSSKIAHPFFAVEDGELVAYLE
YFDVEFDDFVPLEPLVVLEDPNTPLLLEKYAELVGMENNARVPKHTPTGWCSWYHYFLDLTWEETLKNLKLAKNFPFEVF
QIDDAYEKDIGDWLVTRGDFPSVEEMAKVIAENGFIPGIWTAPFSVSETSDVFNEHPDWVVKENGEPKMAYRNWNKKIYA
LDLSKDEVLNWLFDLFSSLRKMGYRYFKIDFLFAGAVPGERKKNITPIQAFRKGIETIRKAVGEDSFILGCGSPLLPAVG
CVDGMRIGPDTAPFWGEHIEDNGAPAARWALRNAITRYFMHDRFWLNDPDCLILREEKTDLTQKEKELYSYTCGVLDNMI
IESDDLSLVRDHGKKVLKETLELLGGRPRVQNIMSEDLRYEIVSSGTLSGNVKIVVDLNSREYHLEKEGKSSLKKRVVKR
EDGRNFYFYEEGERE
;
_entity_poly.pdbx_strand_id   A
#
# COMPACT_ATOMS: atom_id res chain seq x y z
N HIS A 10 -5.23 -25.04 -39.55
CA HIS A 10 -4.38 -25.06 -38.34
C HIS A 10 -4.69 -23.89 -37.35
N SER A 11 -5.90 -23.29 -37.43
CA SER A 11 -6.40 -22.18 -36.54
C SER A 11 -6.16 -22.57 -35.10
N SER A 12 -5.69 -21.62 -34.28
CA SER A 12 -5.24 -21.96 -32.93
C SER A 12 -5.82 -21.05 -31.85
N GLY A 13 -6.73 -20.13 -32.21
CA GLY A 13 -7.33 -19.23 -31.27
C GLY A 13 -8.24 -19.95 -30.28
N LEU A 14 -8.18 -19.47 -29.05
CA LEU A 14 -8.95 -20.08 -27.98
C LEU A 14 -10.12 -19.24 -27.51
N VAL A 15 -11.16 -19.96 -27.07
CA VAL A 15 -12.35 -19.34 -26.47
C VAL A 15 -12.71 -20.13 -25.21
N PRO A 16 -13.10 -19.42 -24.11
CA PRO A 16 -13.48 -20.18 -22.91
C PRO A 16 -14.54 -21.23 -23.16
N ARG A 17 -14.41 -22.38 -22.53
CA ARG A 17 -15.40 -23.48 -22.70
C ARG A 17 -16.56 -23.42 -21.71
N GLY A 18 -16.33 -22.76 -20.60
CA GLY A 18 -17.20 -22.92 -19.44
C GLY A 18 -18.38 -21.99 -19.46
N SER A 19 -19.37 -22.35 -18.64
CA SER A 19 -20.60 -21.64 -18.65
C SER A 19 -20.52 -20.29 -17.92
N HIS A 20 -19.72 -20.18 -16.86
CA HIS A 20 -19.55 -18.87 -16.18
C HIS A 20 -18.87 -17.91 -17.11
N MET A 21 -17.85 -18.36 -17.84
CA MET A 21 -17.08 -17.49 -18.71
C MET A 21 -17.84 -16.97 -19.88
N ALA A 22 -18.99 -17.61 -20.19
CA ALA A 22 -19.85 -17.14 -21.26
C ALA A 22 -20.45 -15.78 -20.99
N SER A 23 -20.48 -15.33 -19.73
CA SER A 23 -21.01 -13.98 -19.42
C SER A 23 -20.01 -12.91 -19.81
N MET A 24 -18.76 -13.25 -20.02
CA MET A 24 -17.74 -12.22 -20.20
C MET A 24 -17.93 -11.37 -21.44
N GLU A 25 -17.88 -10.05 -21.28
CA GLU A 25 -17.95 -9.11 -22.40
C GLU A 25 -16.74 -8.17 -22.26
N ILE A 26 -15.87 -8.14 -23.28
CA ILE A 26 -14.66 -7.32 -23.27
C ILE A 26 -14.79 -6.19 -24.28
N PHE A 27 -14.85 -4.96 -23.78
CA PHE A 27 -15.11 -3.81 -24.63
C PHE A 27 -16.31 -4.06 -25.54
N GLY A 28 -17.35 -4.65 -24.95
CA GLY A 28 -18.61 -4.89 -25.67
C GLY A 28 -18.60 -6.11 -26.59
N LYS A 29 -17.51 -6.88 -26.62
CA LYS A 29 -17.33 -8.00 -27.54
C LYS A 29 -17.37 -9.31 -26.80
N THR A 30 -17.86 -10.35 -27.48
CA THR A 30 -17.71 -11.70 -26.94
C THR A 30 -16.25 -12.02 -26.72
N PHE A 31 -15.96 -12.68 -25.60
CA PHE A 31 -14.60 -12.91 -25.12
C PHE A 31 -13.98 -14.11 -25.81
N ARG A 32 -12.92 -13.85 -26.60
CA ARG A 32 -12.11 -14.88 -27.21
C ARG A 32 -10.78 -14.28 -27.66
N GLU A 33 -9.79 -15.12 -27.97
CA GLU A 33 -8.53 -14.60 -28.44
C GLU A 33 -8.68 -13.87 -29.72
N GLY A 34 -7.88 -12.82 -29.90
CA GLY A 34 -7.96 -12.03 -31.11
C GLY A 34 -7.40 -10.63 -30.94
N ARG A 35 -7.37 -9.88 -32.04
CA ARG A 35 -7.12 -8.46 -32.03
C ARG A 35 -8.34 -7.77 -32.50
N PHE A 36 -8.68 -6.69 -31.82
CA PHE A 36 -9.94 -6.05 -31.96
C PHE A 36 -9.81 -4.53 -31.91
N VAL A 37 -10.89 -3.85 -32.33
CA VAL A 37 -10.97 -2.40 -32.31
C VAL A 37 -12.39 -2.00 -31.84
N LEU A 38 -12.46 -1.04 -30.93
CA LEU A 38 -13.71 -0.44 -30.52
C LEU A 38 -13.61 1.05 -30.88
N LYS A 39 -14.47 1.53 -31.77
CA LYS A 39 -14.53 2.98 -32.09
C LYS A 39 -15.81 3.54 -31.56
N GLU A 40 -15.71 4.43 -30.58
CA GLU A 40 -16.86 5.16 -30.08
C GLU A 40 -16.78 6.61 -30.53
N LYS A 41 -17.83 7.37 -30.26
CA LYS A 41 -17.87 8.80 -30.58
C LYS A 41 -16.61 9.53 -30.11
N ASN A 42 -16.20 9.33 -28.85
CA ASN A 42 -15.15 10.15 -28.22
C ASN A 42 -13.80 9.47 -27.99
N PHE A 43 -13.74 8.18 -28.28
CA PHE A 43 -12.50 7.47 -28.11
C PHE A 43 -12.43 6.26 -29.00
N THR A 44 -11.22 5.72 -29.10
CA THR A 44 -10.92 4.55 -29.85
C THR A 44 -9.99 3.66 -29.04
N VAL A 45 -10.35 2.37 -28.90
CA VAL A 45 -9.51 1.37 -28.28
C VAL A 45 -9.08 0.32 -29.25
N GLU A 46 -7.79 0.00 -29.29
CA GLU A 46 -7.28 -1.17 -30.00
C GLU A 46 -6.80 -2.14 -28.98
N PHE A 47 -7.34 -3.35 -29.00
CA PHE A 47 -6.95 -4.30 -27.94
C PHE A 47 -6.74 -5.69 -28.43
N ALA A 48 -6.03 -6.48 -27.63
CA ALA A 48 -5.79 -7.87 -27.95
C ALA A 48 -6.14 -8.72 -26.72
N VAL A 49 -6.73 -9.87 -27.02
CA VAL A 49 -6.98 -10.90 -25.99
C VAL A 49 -6.09 -12.08 -26.30
N GLU A 50 -5.29 -12.49 -25.31
CA GLU A 50 -4.40 -13.59 -25.49
C GLU A 50 -4.45 -14.56 -24.35
N LYS A 51 -4.38 -15.85 -24.69
CA LYS A 51 -4.27 -16.88 -23.68
C LYS A 51 -2.90 -16.83 -23.06
N ILE A 52 -2.84 -16.85 -21.74
CA ILE A 52 -1.54 -16.98 -21.02
C ILE A 52 -1.63 -18.13 -20.04
N HIS A 53 -0.51 -18.48 -19.45
CA HIS A 53 -0.51 -19.49 -18.43
C HIS A 53 -1.49 -19.13 -17.29
N LEU A 54 -2.43 -20.04 -17.02
CA LEU A 54 -3.44 -19.90 -15.98
C LEU A 54 -4.55 -18.92 -16.32
N GLY A 55 -4.63 -18.41 -17.56
CA GLY A 55 -5.75 -17.55 -17.87
C GLY A 55 -5.60 -16.81 -19.17
N TRP A 56 -5.87 -15.50 -19.10
CA TRP A 56 -6.04 -14.64 -20.23
C TRP A 56 -5.53 -13.25 -19.90
N LYS A 57 -5.06 -12.56 -20.93
CA LYS A 57 -4.51 -11.20 -20.78
C LYS A 57 -5.11 -10.34 -21.83
N ILE A 58 -5.64 -9.19 -21.42
CA ILE A 58 -6.15 -8.18 -22.34
C ILE A 58 -5.22 -6.98 -22.29
N SER A 59 -4.73 -6.52 -23.44
CA SER A 59 -3.82 -5.37 -23.47
C SER A 59 -4.13 -4.54 -24.71
N GLY A 60 -3.54 -3.35 -24.82
CA GLY A 60 -3.85 -2.52 -25.98
C GLY A 60 -3.57 -1.09 -25.75
N ARG A 61 -4.30 -0.23 -26.46
CA ARG A 61 -4.04 1.21 -26.46
C ARG A 61 -5.31 1.94 -26.71
N VAL A 62 -5.36 3.18 -26.21
CA VAL A 62 -6.56 3.99 -26.29
C VAL A 62 -6.18 5.45 -26.61
N LYS A 63 -7.05 6.13 -27.36
CA LYS A 63 -6.90 7.57 -27.62
C LYS A 63 -8.26 8.23 -27.60
N GLY A 64 -8.25 9.57 -27.52
CA GLY A 64 -9.48 10.33 -27.42
C GLY A 64 -9.74 10.67 -25.96
N SER A 65 -11.00 10.69 -25.60
CA SER A 65 -11.47 10.98 -24.22
C SER A 65 -12.20 9.74 -23.73
N PRO A 66 -11.44 8.79 -23.16
CA PRO A 66 -12.05 7.54 -22.70
C PRO A 66 -12.85 7.68 -21.44
N GLY A 67 -12.60 8.74 -20.67
CA GLY A 67 -13.30 9.03 -19.44
C GLY A 67 -13.23 7.86 -18.46
N ARG A 68 -14.39 7.40 -18.02
CA ARG A 68 -14.51 6.19 -17.18
C ARG A 68 -14.77 5.03 -18.14
N LEU A 69 -13.72 4.35 -18.54
CA LEU A 69 -13.73 3.45 -19.63
C LEU A 69 -14.15 2.06 -19.12
N GLU A 70 -15.29 1.56 -19.62
CA GLU A 70 -15.71 0.20 -19.30
C GLU A 70 -14.89 -0.81 -20.06
N VAL A 71 -14.19 -1.71 -19.36
CA VAL A 71 -13.31 -2.70 -19.98
C VAL A 71 -13.98 -4.09 -20.05
N LEU A 72 -14.48 -4.55 -18.94
CA LEU A 72 -15.01 -5.91 -18.81
C LEU A 72 -16.30 -5.87 -18.06
N ARG A 73 -17.23 -6.75 -18.44
CA ARG A 73 -18.46 -6.93 -17.70
C ARG A 73 -18.67 -8.45 -17.67
N THR A 74 -19.00 -8.95 -16.51
CA THR A 74 -19.32 -10.35 -16.33
C THR A 74 -20.29 -10.48 -15.14
N LYS A 75 -20.81 -11.68 -14.93
CA LYS A 75 -21.67 -11.89 -13.79
C LYS A 75 -20.86 -11.85 -12.50
N ALA A 76 -21.44 -11.20 -11.50
CA ALA A 76 -20.74 -11.04 -10.19
C ALA A 76 -20.84 -12.31 -9.37
N PRO A 77 -19.71 -12.81 -8.85
CA PRO A 77 -19.69 -13.88 -7.86
C PRO A 77 -20.35 -13.42 -6.55
N GLU A 78 -20.78 -14.37 -5.74
CA GLU A 78 -21.44 -14.05 -4.50
C GLU A 78 -20.45 -13.55 -3.46
N LYS A 79 -19.33 -14.25 -3.30
CA LYS A 79 -18.33 -13.92 -2.26
C LYS A 79 -17.06 -13.47 -2.95
N VAL A 80 -16.67 -12.21 -2.74
CA VAL A 80 -15.52 -11.62 -3.44
C VAL A 80 -14.50 -11.04 -2.46
N LEU A 81 -13.23 -11.35 -2.70
CA LEU A 81 -12.12 -10.65 -2.04
C LEU A 81 -11.97 -9.32 -2.76
N VAL A 82 -12.16 -8.24 -2.02
CA VAL A 82 -12.07 -6.89 -2.52
C VAL A 82 -10.91 -6.16 -1.85
N ASN A 83 -10.43 -5.13 -2.52
CA ASN A 83 -9.22 -4.46 -2.13
C ASN A 83 -9.40 -2.93 -2.23
N ASN A 84 -9.11 -2.23 -1.14
CA ASN A 84 -9.02 -0.78 -1.22
C ASN A 84 -7.74 -0.35 -1.90
N TRP A 85 -7.76 0.80 -2.57
CA TRP A 85 -6.56 1.24 -3.33
C TRP A 85 -5.31 1.52 -2.52
N GLN A 86 -5.44 1.77 -1.23
CA GLN A 86 -4.30 2.24 -0.45
C GLN A 86 -4.02 1.41 0.79
N SER A 87 -2.81 1.61 1.30
CA SER A 87 -2.28 0.89 2.47
C SER A 87 -3.28 0.52 3.54
N TRP A 88 -3.98 1.49 4.06
CA TRP A 88 -4.77 1.31 5.26
C TRP A 88 -6.12 0.64 5.05
N GLY A 89 -6.61 0.70 3.82
CA GLY A 89 -7.97 0.26 3.55
C GLY A 89 -8.08 -1.26 3.47
N PRO A 90 -9.29 -1.78 3.68
CA PRO A 90 -9.46 -3.23 3.80
C PRO A 90 -9.19 -4.02 2.55
N CYS A 91 -8.56 -5.16 2.75
CA CYS A 91 -8.59 -6.23 1.76
C CYS A 91 -9.25 -7.39 2.45
N ARG A 92 -10.44 -7.70 1.99
CA ARG A 92 -11.34 -8.58 2.73
C ARG A 92 -12.36 -9.25 1.82
N VAL A 93 -12.92 -10.36 2.32
CA VAL A 93 -13.99 -11.04 1.62
C VAL A 93 -15.32 -10.47 2.07
N VAL A 94 -16.14 -10.10 1.09
N VAL A 94 -16.12 -10.00 1.13
CA VAL A 94 -17.43 -9.47 1.28
CA VAL A 94 -17.47 -9.59 1.42
C VAL A 94 -18.49 -10.18 0.43
C VAL A 94 -18.47 -10.35 0.55
N ASP A 95 -19.74 -10.17 0.92
CA ASP A 95 -20.85 -10.64 0.12
C ASP A 95 -21.20 -9.58 -0.90
N ALA A 96 -21.14 -9.92 -2.17
CA ALA A 96 -21.34 -8.96 -3.25
C ALA A 96 -22.74 -8.38 -3.26
N PHE A 97 -23.71 -9.08 -2.69
CA PHE A 97 -25.13 -8.64 -2.85
C PHE A 97 -25.74 -7.98 -1.64
N SER A 98 -25.13 -8.12 -0.50
CA SER A 98 -25.67 -7.45 0.68
C SER A 98 -24.94 -6.13 1.01
N PHE A 99 -24.11 -5.64 0.10
CA PHE A 99 -23.43 -4.34 0.27
C PHE A 99 -24.41 -3.18 0.49
N LYS A 100 -24.14 -2.35 1.49
CA LYS A 100 -24.78 -1.06 1.69
C LYS A 100 -23.65 -0.01 1.66
N PRO A 101 -23.82 1.07 0.87
CA PRO A 101 -22.89 2.20 0.83
C PRO A 101 -22.49 2.67 2.23
N PRO A 102 -21.18 2.76 2.48
CA PRO A 102 -20.69 3.22 3.79
C PRO A 102 -20.91 4.69 3.99
N GLU A 103 -20.92 5.11 5.26
CA GLU A 103 -20.81 6.53 5.55
C GLU A 103 -19.31 6.90 5.45
N ILE A 104 -19.01 7.82 4.57
CA ILE A 104 -17.61 8.17 4.35
C ILE A 104 -17.33 9.46 5.15
N ASP A 105 -16.36 9.39 6.05
CA ASP A 105 -15.91 10.60 6.79
C ASP A 105 -15.31 11.60 5.80
N PRO A 106 -15.90 12.80 5.69
CA PRO A 106 -15.36 13.78 4.77
C PRO A 106 -13.93 14.22 5.06
N ASN A 107 -13.43 13.91 6.24
CA ASN A 107 -12.04 14.23 6.56
C ASN A 107 -11.04 13.26 5.93
N TRP A 108 -11.55 12.12 5.46
CA TRP A 108 -10.70 11.05 4.96
C TRP A 108 -11.30 10.41 3.73
N ARG A 109 -12.07 11.15 2.95
CA ARG A 109 -12.86 10.63 1.84
C ARG A 109 -12.02 9.89 0.81
N TYR A 110 -10.81 10.39 0.49
CA TYR A 110 -10.08 9.80 -0.60
C TYR A 110 -9.30 8.57 -0.13
N THR A 111 -9.25 8.31 1.17
CA THR A 111 -8.75 7.01 1.62
C THR A 111 -9.74 5.91 1.34
N ALA A 112 -11.04 6.26 1.33
CA ALA A 112 -12.08 5.28 1.03
C ALA A 112 -12.05 4.93 -0.46
N SER A 113 -11.90 5.92 -1.32
CA SER A 113 -11.90 5.74 -2.76
C SER A 113 -11.44 7.00 -3.45
N VAL A 114 -10.71 6.81 -4.53
CA VAL A 114 -10.32 7.91 -5.41
C VAL A 114 -11.48 8.35 -6.29
N VAL A 115 -12.48 7.47 -6.37
CA VAL A 115 -13.75 7.73 -7.05
C VAL A 115 -14.94 7.52 -6.12
N PRO A 116 -15.08 8.38 -5.12
CA PRO A 116 -16.07 8.13 -4.09
C PRO A 116 -17.54 8.13 -4.61
N ASP A 117 -17.78 8.73 -5.77
CA ASP A 117 -19.10 8.61 -6.42
C ASP A 117 -19.51 7.16 -6.64
N VAL A 118 -18.52 6.29 -6.89
CA VAL A 118 -18.81 4.83 -7.04
C VAL A 118 -19.23 4.22 -5.70
N LEU A 119 -18.36 4.39 -4.70
CA LEU A 119 -18.49 3.72 -3.43
C LEU A 119 -19.74 4.18 -2.73
N GLU A 120 -20.23 5.37 -3.09
CA GLU A 120 -21.49 5.85 -2.57
C GLU A 120 -22.73 5.14 -3.11
N ARG A 121 -22.59 4.37 -4.18
CA ARG A 121 -23.72 3.65 -4.77
C ARG A 121 -23.46 2.14 -4.80
N ASN A 122 -22.21 1.72 -5.08
CA ASN A 122 -21.93 0.34 -5.48
C ASN A 122 -20.70 -0.17 -4.74
N LEU A 123 -20.63 -1.47 -4.51
CA LEU A 123 -19.41 -2.11 -4.04
C LEU A 123 -18.26 -1.88 -5.03
N GLN A 124 -17.12 -1.38 -4.51
CA GLN A 124 -15.92 -1.06 -5.29
C GLN A 124 -14.77 -1.96 -4.84
N SER A 125 -13.94 -2.37 -5.81
CA SER A 125 -12.66 -2.95 -5.47
C SER A 125 -11.61 -2.32 -6.41
N ASP A 126 -10.44 -2.02 -5.88
CA ASP A 126 -9.40 -1.36 -6.66
C ASP A 126 -8.34 -2.37 -7.06
N TYR A 127 -7.92 -2.26 -8.34
CA TYR A 127 -6.83 -3.01 -8.90
C TYR A 127 -7.13 -4.48 -9.20
N PHE A 128 -7.69 -5.16 -8.25
CA PHE A 128 -8.04 -6.60 -8.45
C PHE A 128 -9.27 -6.94 -7.63
N VAL A 129 -9.90 -8.05 -7.97
CA VAL A 129 -10.92 -8.67 -7.21
C VAL A 129 -10.79 -10.18 -7.42
N ALA A 130 -11.11 -10.96 -6.38
CA ALA A 130 -10.99 -12.43 -6.50
C ALA A 130 -12.24 -13.10 -5.99
N GLU A 131 -12.51 -14.27 -6.58
CA GLU A 131 -13.46 -15.24 -5.99
C GLU A 131 -12.72 -16.54 -5.85
N GLU A 132 -13.31 -17.50 -5.14
CA GLU A 132 -12.65 -18.81 -5.10
C GLU A 132 -12.48 -19.32 -6.57
N GLY A 133 -11.25 -19.57 -6.96
CA GLY A 133 -10.92 -20.06 -8.27
C GLY A 133 -10.72 -19.10 -9.44
N LYS A 134 -10.92 -17.80 -9.23
N LYS A 134 -10.86 -17.79 -9.20
CA LYS A 134 -10.62 -16.85 -10.29
CA LYS A 134 -10.74 -16.79 -10.28
C LYS A 134 -10.08 -15.57 -9.66
C LYS A 134 -10.25 -15.45 -9.77
N VAL A 135 -9.19 -14.93 -10.41
CA VAL A 135 -8.66 -13.57 -10.10
C VAL A 135 -8.80 -12.70 -11.31
N TYR A 136 -9.40 -11.51 -11.13
CA TYR A 136 -9.43 -10.49 -12.12
C TYR A 136 -8.52 -9.37 -11.64
N GLY A 137 -7.54 -9.00 -12.44
CA GLY A 137 -6.59 -8.03 -11.93
C GLY A 137 -5.88 -7.23 -12.99
N PHE A 138 -5.70 -5.94 -12.72
CA PHE A 138 -4.94 -5.09 -13.62
C PHE A 138 -3.48 -5.10 -13.22
N LEU A 139 -2.61 -5.05 -14.22
CA LEU A 139 -1.18 -5.25 -13.98
C LEU A 139 -0.46 -3.96 -13.66
N SER A 140 -1.14 -2.83 -13.84
CA SER A 140 -0.51 -1.50 -13.62
C SER A 140 -1.55 -0.44 -13.36
N SER A 141 -1.08 0.69 -12.83
CA SER A 141 -1.87 1.90 -12.77
C SER A 141 -0.85 3.03 -13.01
N LYS A 142 -0.61 3.31 -14.28
CA LYS A 142 0.35 4.34 -14.69
C LYS A 142 -0.33 5.60 -15.15
N ILE A 143 -1.48 5.45 -15.80
CA ILE A 143 -2.25 6.57 -16.27
C ILE A 143 -3.65 6.57 -15.68
N ALA A 144 -4.34 5.46 -15.86
CA ALA A 144 -5.69 5.30 -15.37
C ALA A 144 -5.71 4.67 -14.00
N HIS A 145 -6.79 4.92 -13.27
CA HIS A 145 -7.09 4.19 -12.04
C HIS A 145 -7.97 2.96 -12.37
N PRO A 146 -7.48 1.74 -12.13
CA PRO A 146 -8.31 0.57 -12.50
C PRO A 146 -9.14 0.09 -11.33
N PHE A 147 -10.43 -0.11 -11.55
CA PHE A 147 -11.27 -0.54 -10.45
C PHE A 147 -12.44 -1.37 -10.97
N PHE A 148 -13.09 -2.05 -10.04
CA PHE A 148 -14.24 -2.90 -10.28
C PHE A 148 -15.40 -2.38 -9.47
N ALA A 149 -16.60 -2.53 -10.01
CA ALA A 149 -17.83 -2.24 -9.29
C ALA A 149 -18.81 -3.37 -9.49
N VAL A 150 -19.63 -3.63 -8.49
CA VAL A 150 -20.77 -4.57 -8.64
C VAL A 150 -22.01 -3.72 -8.89
N GLU A 151 -22.60 -3.89 -10.06
CA GLU A 151 -23.77 -3.10 -10.53
C GLU A 151 -24.91 -4.07 -10.87
N ASP A 152 -25.93 -4.08 -10.02
CA ASP A 152 -27.07 -5.02 -10.17
C ASP A 152 -26.65 -6.40 -10.63
N GLY A 153 -25.82 -7.05 -9.83
CA GLY A 153 -25.45 -8.44 -10.16
C GLY A 153 -24.37 -8.68 -11.20
N GLU A 154 -23.81 -7.60 -11.78
CA GLU A 154 -22.72 -7.74 -12.75
C GLU A 154 -21.47 -7.15 -12.11
N LEU A 155 -20.35 -7.75 -12.41
CA LEU A 155 -19.07 -7.24 -12.01
C LEU A 155 -18.51 -6.50 -13.22
N VAL A 156 -18.11 -5.23 -13.03
CA VAL A 156 -17.69 -4.40 -14.13
C VAL A 156 -16.30 -3.87 -13.81
N ALA A 157 -15.38 -4.01 -14.75
CA ALA A 157 -14.01 -3.47 -14.66
C ALA A 157 -13.91 -2.18 -15.44
N TYR A 158 -13.34 -1.14 -14.81
CA TYR A 158 -13.21 0.16 -15.40
C TYR A 158 -11.78 0.69 -15.30
N LEU A 159 -11.42 1.54 -16.26
CA LEU A 159 -10.18 2.36 -16.22
C LEU A 159 -10.61 3.81 -16.20
N GLU A 160 -10.36 4.47 -15.07
CA GLU A 160 -10.77 5.86 -14.90
C GLU A 160 -9.67 6.81 -15.35
N TYR A 161 -9.98 7.62 -16.36
CA TYR A 161 -9.03 8.59 -16.93
C TYR A 161 -9.23 10.04 -16.43
N PHE A 162 -10.23 10.28 -15.57
CA PHE A 162 -10.41 11.54 -14.88
C PHE A 162 -10.55 12.70 -15.87
N ASP A 163 -11.30 12.46 -16.94
CA ASP A 163 -11.54 13.48 -17.99
C ASP A 163 -10.36 13.93 -18.78
N VAL A 164 -9.22 13.27 -18.70
CA VAL A 164 -8.06 13.62 -19.50
C VAL A 164 -8.18 13.06 -20.93
N GLU A 165 -7.82 13.90 -21.90
CA GLU A 165 -7.90 13.54 -23.31
C GLU A 165 -6.52 13.29 -23.87
N PHE A 166 -6.46 12.34 -24.78
CA PHE A 166 -5.19 11.89 -25.37
C PHE A 166 -5.24 12.03 -26.91
N ASP A 167 -4.45 12.92 -27.49
CA ASP A 167 -4.50 13.05 -28.97
C ASP A 167 -3.94 11.83 -29.64
N ASP A 168 -2.96 11.20 -29.00
CA ASP A 168 -2.33 10.03 -29.56
C ASP A 168 -2.53 8.85 -28.60
N PHE A 169 -2.39 7.65 -29.15
CA PHE A 169 -2.61 6.43 -28.36
C PHE A 169 -1.69 6.38 -27.15
N VAL A 170 -2.22 5.95 -26.00
CA VAL A 170 -1.42 5.58 -24.84
C VAL A 170 -1.79 4.14 -24.45
N PRO A 171 -0.90 3.45 -23.75
CA PRO A 171 -1.22 2.07 -23.41
C PRO A 171 -2.31 1.94 -22.42
N LEU A 172 -3.18 0.94 -22.63
CA LEU A 172 -4.06 0.48 -21.58
C LEU A 172 -3.28 -0.13 -20.43
N GLU A 173 -3.84 -0.06 -19.23
CA GLU A 173 -3.35 -0.85 -18.14
C GLU A 173 -3.83 -2.28 -18.47
N PRO A 174 -2.92 -3.24 -18.55
CA PRO A 174 -3.39 -4.61 -18.94
C PRO A 174 -4.21 -5.25 -17.85
N LEU A 175 -5.16 -6.09 -18.29
CA LEU A 175 -6.06 -6.82 -17.43
C LEU A 175 -5.82 -8.31 -17.61
N VAL A 176 -5.67 -9.04 -16.51
CA VAL A 176 -5.65 -10.50 -16.59
C VAL A 176 -6.85 -11.10 -15.87
N VAL A 177 -7.27 -12.27 -16.37
CA VAL A 177 -8.32 -13.07 -15.79
C VAL A 177 -7.71 -14.44 -15.63
N LEU A 178 -7.41 -14.84 -14.40
CA LEU A 178 -6.78 -16.08 -14.10
C LEU A 178 -7.75 -17.07 -13.48
N GLU A 179 -7.56 -18.37 -13.79
CA GLU A 179 -8.51 -19.38 -13.33
C GLU A 179 -7.77 -20.66 -12.97
N ASP A 180 -8.08 -21.17 -11.78
CA ASP A 180 -7.54 -22.39 -11.23
C ASP A 180 -8.19 -22.60 -9.89
N PRO A 181 -8.33 -23.84 -9.42
CA PRO A 181 -8.90 -24.03 -8.10
C PRO A 181 -8.03 -23.48 -6.93
N ASN A 182 -6.74 -23.30 -7.17
CA ASN A 182 -5.84 -22.85 -6.12
C ASN A 182 -5.80 -21.31 -6.16
N THR A 183 -6.68 -20.68 -5.39
CA THR A 183 -6.79 -19.23 -5.38
C THR A 183 -5.54 -18.48 -4.89
N PRO A 184 -4.88 -18.99 -3.86
CA PRO A 184 -3.63 -18.37 -3.44
C PRO A 184 -2.59 -18.37 -4.56
N LEU A 185 -2.43 -19.49 -5.25
CA LEU A 185 -1.54 -19.57 -6.41
C LEU A 185 -1.90 -18.49 -7.41
N LEU A 186 -3.17 -18.34 -7.72
CA LEU A 186 -3.58 -17.33 -8.68
C LEU A 186 -3.18 -15.91 -8.26
N LEU A 187 -3.36 -15.62 -6.97
CA LEU A 187 -3.03 -14.27 -6.49
C LEU A 187 -1.51 -14.07 -6.58
N GLU A 188 -0.76 -15.10 -6.24
CA GLU A 188 0.69 -15.05 -6.36
C GLU A 188 1.14 -14.86 -7.80
N LYS A 189 0.50 -15.57 -8.74
N LYS A 189 0.47 -15.53 -8.74
CA LYS A 189 0.78 -15.39 -10.16
CA LYS A 189 0.85 -15.37 -10.12
C LYS A 189 0.48 -13.98 -10.63
C LYS A 189 0.45 -14.01 -10.70
N TYR A 190 -0.71 -13.50 -10.29
CA TYR A 190 -1.11 -12.12 -10.60
C TYR A 190 0.01 -11.16 -10.13
N ALA A 191 0.43 -11.34 -8.89
CA ALA A 191 1.41 -10.41 -8.33
C ALA A 191 2.78 -10.55 -9.04
N GLU A 192 3.13 -11.75 -9.45
CA GLU A 192 4.35 -11.90 -10.26
C GLU A 192 4.25 -11.12 -11.58
N LEU A 193 3.08 -11.15 -12.21
CA LEU A 193 2.85 -10.42 -13.44
C LEU A 193 2.88 -8.90 -13.19
N VAL A 194 2.34 -8.45 -12.06
CA VAL A 194 2.40 -7.05 -11.72
C VAL A 194 3.87 -6.64 -11.54
N GLY A 195 4.61 -7.48 -10.83
CA GLY A 195 6.03 -7.16 -10.60
C GLY A 195 6.83 -7.02 -11.87
N MET A 196 6.58 -7.91 -12.82
CA MET A 196 7.26 -7.83 -14.12
C MET A 196 6.81 -6.62 -14.94
N GLU A 197 5.53 -6.27 -14.89
CA GLU A 197 5.01 -5.19 -15.68
C GLU A 197 5.59 -3.83 -15.23
N ASN A 198 5.92 -3.71 -13.93
CA ASN A 198 6.34 -2.42 -13.33
C ASN A 198 7.79 -2.41 -12.86
N ASN A 199 8.53 -3.46 -13.19
N ASN A 199 8.54 -3.45 -13.17
CA ASN A 199 9.93 -3.68 -12.71
CA ASN A 199 9.92 -3.58 -12.67
C ASN A 199 10.06 -3.44 -11.18
C ASN A 199 9.99 -3.34 -11.15
N ALA A 200 9.26 -4.17 -10.42
CA ALA A 200 9.24 -4.08 -8.98
C ALA A 200 10.62 -4.15 -8.37
N ARG A 201 10.81 -3.37 -7.31
CA ARG A 201 11.99 -3.42 -6.46
C ARG A 201 11.75 -4.39 -5.33
N VAL A 202 12.56 -5.44 -5.29
CA VAL A 202 12.44 -6.35 -4.20
C VAL A 202 13.86 -6.56 -3.65
N PRO A 203 14.23 -5.82 -2.61
CA PRO A 203 15.57 -5.99 -2.11
C PRO A 203 15.84 -7.39 -1.60
N LYS A 204 17.08 -7.84 -1.72
CA LYS A 204 17.44 -9.14 -1.22
C LYS A 204 17.56 -9.15 0.28
N HIS A 205 17.98 -8.02 0.85
CA HIS A 205 18.08 -7.84 2.28
C HIS A 205 16.93 -6.98 2.78
N THR A 206 16.24 -7.47 3.79
CA THR A 206 15.26 -6.64 4.46
C THR A 206 15.82 -6.09 5.76
N PRO A 207 15.73 -4.77 5.94
CA PRO A 207 16.19 -4.20 7.19
C PRO A 207 15.33 -4.57 8.40
N THR A 208 15.95 -4.70 9.55
CA THR A 208 15.27 -4.63 10.82
C THR A 208 15.51 -3.25 11.42
N GLY A 209 14.67 -2.86 12.36
CA GLY A 209 14.79 -1.50 12.87
C GLY A 209 13.86 -1.14 14.00
N TRP A 210 14.00 0.08 14.44
CA TRP A 210 13.22 0.70 15.48
C TRP A 210 12.53 1.92 14.91
N CYS A 211 11.29 2.16 15.33
CA CYS A 211 10.45 3.29 14.95
C CYS A 211 9.88 3.92 16.23
N SER A 212 9.81 5.25 16.31
CA SER A 212 9.36 5.89 17.51
C SER A 212 7.85 5.93 17.71
N TRP A 213 7.09 5.77 16.61
CA TRP A 213 5.72 6.22 16.61
C TRP A 213 4.81 5.54 17.65
N TYR A 214 4.81 4.19 17.68
CA TYR A 214 3.78 3.46 18.42
C TYR A 214 4.07 3.33 19.88
N HIS A 215 5.02 4.08 20.39
CA HIS A 215 5.09 4.34 21.83
C HIS A 215 4.90 5.80 22.14
N TYR A 216 5.65 6.63 21.45
CA TYR A 216 5.74 8.07 21.78
C TYR A 216 4.70 8.92 21.06
N PHE A 217 4.34 8.47 19.86
CA PHE A 217 3.46 9.27 19.02
C PHE A 217 4.03 10.69 18.84
N LEU A 218 3.19 11.74 18.88
CA LEU A 218 3.71 13.09 18.73
C LEU A 218 4.43 13.64 19.95
N ASP A 219 4.41 12.87 21.02
CA ASP A 219 5.04 13.29 22.27
C ASP A 219 6.49 12.91 22.32
N LEU A 220 7.04 12.37 21.24
CA LEU A 220 8.45 12.06 21.25
C LEU A 220 9.25 13.31 21.55
N THR A 221 10.31 13.16 22.35
CA THR A 221 11.32 14.23 22.52
C THR A 221 12.65 13.65 22.11
N TRP A 222 13.62 14.54 21.85
CA TRP A 222 14.93 14.09 21.49
C TRP A 222 15.61 13.45 22.68
N GLU A 223 15.32 13.94 23.88
CA GLU A 223 15.82 13.31 25.09
C GLU A 223 15.42 11.80 25.12
N GLU A 224 14.14 11.51 24.86
CA GLU A 224 13.68 10.11 24.83
C GLU A 224 14.28 9.35 23.68
N THR A 225 14.43 10.02 22.55
CA THR A 225 15.07 9.41 21.40
C THR A 225 16.48 8.93 21.70
N LEU A 226 17.25 9.79 22.36
CA LEU A 226 18.60 9.45 22.72
C LEU A 226 18.68 8.30 23.72
N LYS A 227 17.73 8.24 24.66
CA LYS A 227 17.68 7.10 25.63
C LYS A 227 17.51 5.78 24.83
N ASN A 228 16.61 5.80 23.86
CA ASN A 228 16.39 4.63 23.04
C ASN A 228 17.51 4.28 22.08
N LEU A 229 18.21 5.29 21.59
CA LEU A 229 19.34 5.11 20.72
C LEU A 229 20.43 4.33 21.45
N LYS A 230 20.63 4.65 22.72
CA LYS A 230 21.59 3.91 23.50
C LYS A 230 21.14 2.47 23.76
N LEU A 231 19.89 2.30 24.15
CA LEU A 231 19.39 0.95 24.45
C LEU A 231 19.29 0.08 23.22
N ALA A 232 19.08 0.71 22.06
CA ALA A 232 18.99 -0.03 20.80
C ALA A 232 20.25 -0.77 20.41
N LYS A 233 21.35 -0.39 21.01
CA LYS A 233 22.58 -1.11 20.77
C LYS A 233 22.55 -2.57 21.27
N ASN A 234 21.61 -2.90 22.15
CA ASN A 234 21.45 -4.27 22.64
C ASN A 234 20.40 -5.06 21.91
N PHE A 235 19.85 -4.51 20.83
CA PHE A 235 18.76 -5.14 20.07
C PHE A 235 19.27 -5.34 18.66
N PRO A 236 18.66 -6.25 17.88
CA PRO A 236 19.10 -6.57 16.53
C PRO A 236 18.50 -5.62 15.50
N PHE A 237 18.74 -4.34 15.67
CA PHE A 237 18.16 -3.28 14.84
C PHE A 237 19.22 -2.73 13.93
N GLU A 238 18.94 -2.66 12.64
CA GLU A 238 19.81 -2.00 11.68
C GLU A 238 19.47 -0.51 11.50
N VAL A 239 18.18 -0.23 11.36
CA VAL A 239 17.68 1.10 11.05
C VAL A 239 17.13 1.70 12.33
N PHE A 240 17.35 3.01 12.56
CA PHE A 240 16.76 3.73 13.65
C PHE A 240 16.05 4.94 13.05
N GLN A 241 14.72 4.88 13.11
CA GLN A 241 13.86 5.77 12.33
C GLN A 241 13.06 6.67 13.22
N ILE A 242 13.24 7.96 13.04
CA ILE A 242 12.44 8.96 13.72
C ILE A 242 11.13 9.16 12.96
N ASP A 243 9.99 9.02 13.64
CA ASP A 243 8.69 9.18 13.06
C ASP A 243 8.17 10.60 13.25
N ASP A 244 6.93 10.85 12.86
CA ASP A 244 6.26 12.13 13.01
C ASP A 244 6.37 12.58 14.49
N ALA A 245 6.87 13.80 14.66
CA ALA A 245 7.07 14.47 15.99
C ALA A 245 8.12 15.58 15.89
N TYR A 246 9.11 15.42 15.04
CA TYR A 246 10.31 16.25 15.06
C TYR A 246 10.08 17.55 14.32
N GLU A 247 9.10 17.57 13.41
CA GLU A 247 8.98 18.65 12.41
C GLU A 247 8.10 19.77 12.93
N LYS A 248 8.35 21.00 12.51
CA LYS A 248 7.54 22.09 12.99
C LYS A 248 6.16 22.12 12.37
N ASP A 249 6.06 21.64 11.13
CA ASP A 249 4.77 21.58 10.47
C ASP A 249 4.83 20.62 9.29
N ILE A 250 3.63 20.24 8.81
CA ILE A 250 3.51 19.35 7.67
C ILE A 250 3.87 20.14 6.41
N GLY A 251 4.97 19.74 5.79
CA GLY A 251 5.56 20.45 4.66
C GLY A 251 6.88 21.09 4.99
N ASP A 252 7.11 21.41 6.27
CA ASP A 252 8.31 22.14 6.71
C ASP A 252 9.29 21.16 7.33
N TRP A 253 9.77 20.29 6.47
CA TRP A 253 10.44 19.04 6.87
C TRP A 253 11.82 19.31 7.43
N LEU A 254 12.40 20.46 7.05
CA LEU A 254 13.75 20.77 7.51
C LEU A 254 13.75 21.74 8.68
N VAL A 255 12.60 22.07 9.24
CA VAL A 255 12.45 22.92 10.42
C VAL A 255 12.05 22.02 11.58
N THR A 256 12.83 21.99 12.65
CA THR A 256 12.47 21.10 13.78
C THR A 256 11.89 21.91 14.92
N ARG A 257 11.21 21.22 15.82
CA ARG A 257 10.56 21.79 16.97
C ARG A 257 11.15 21.27 18.29
N GLY A 258 10.80 21.96 19.37
CA GLY A 258 11.08 21.48 20.71
C GLY A 258 12.53 21.31 20.98
N ASP A 259 12.88 20.16 21.56
CA ASP A 259 14.27 19.85 21.91
C ASP A 259 15.04 19.16 20.81
N PHE A 260 14.44 19.01 19.63
CA PHE A 260 15.17 18.35 18.52
C PHE A 260 16.25 19.25 17.95
N PRO A 261 17.39 18.64 17.57
CA PRO A 261 18.45 19.42 16.94
C PRO A 261 18.05 19.57 15.48
N SER A 262 18.97 19.95 14.63
CA SER A 262 18.60 20.12 13.22
C SER A 262 18.36 18.72 12.62
N VAL A 263 17.67 18.68 11.49
CA VAL A 263 17.49 17.40 10.79
C VAL A 263 18.79 16.74 10.41
N GLU A 264 19.76 17.56 10.00
CA GLU A 264 21.08 17.05 9.68
C GLU A 264 21.78 16.48 10.93
N GLU A 265 21.70 17.23 12.01
CA GLU A 265 22.30 16.80 13.28
C GLU A 265 21.72 15.48 13.73
N MET A 266 20.40 15.32 13.61
CA MET A 266 19.77 14.05 14.03
C MET A 266 20.37 12.87 13.25
N ALA A 267 20.56 13.02 11.96
CA ALA A 267 21.08 11.94 11.14
C ALA A 267 22.47 11.57 11.64
N LYS A 268 23.25 12.62 11.90
CA LYS A 268 24.66 12.37 12.28
C LYS A 268 24.75 11.74 13.64
N VAL A 269 23.92 12.11 14.60
CA VAL A 269 23.93 11.46 15.92
C VAL A 269 23.61 9.98 15.71
N ILE A 270 22.57 9.70 14.91
CA ILE A 270 22.17 8.28 14.75
C ILE A 270 23.26 7.47 14.10
N ALA A 271 23.85 8.01 13.04
CA ALA A 271 24.92 7.32 12.34
C ALA A 271 26.14 7.14 13.20
N GLU A 272 26.47 8.13 14.00
CA GLU A 272 27.68 7.99 14.85
C GLU A 272 27.44 6.92 15.89
N ASN A 273 26.16 6.63 16.18
CA ASN A 273 25.82 5.56 17.11
C ASN A 273 25.66 4.19 16.46
N GLY A 274 25.98 4.09 15.17
CA GLY A 274 26.09 2.82 14.46
C GLY A 274 24.80 2.31 13.83
N PHE A 275 23.84 3.19 13.61
CA PHE A 275 22.59 2.79 12.99
C PHE A 275 22.43 3.46 11.64
N ILE A 276 21.67 2.84 10.72
CA ILE A 276 21.25 3.50 9.51
C ILE A 276 20.14 4.50 9.86
N PRO A 277 20.30 5.80 9.60
CA PRO A 277 19.30 6.74 10.01
C PRO A 277 18.06 6.69 9.09
N GLY A 278 16.91 6.68 9.73
CA GLY A 278 15.66 6.77 9.05
C GLY A 278 14.83 7.97 9.45
N ILE A 279 14.00 8.42 8.53
CA ILE A 279 13.16 9.57 8.82
C ILE A 279 11.83 9.44 8.12
N TRP A 280 10.79 9.91 8.83
CA TRP A 280 9.40 10.03 8.32
C TRP A 280 9.15 11.37 7.73
N THR A 281 8.45 11.40 6.61
CA THR A 281 7.81 12.60 6.06
C THR A 281 6.46 12.24 5.51
N ALA A 282 5.67 13.24 5.15
CA ALA A 282 4.44 13.10 4.43
C ALA A 282 4.58 13.97 3.19
N PRO A 283 5.35 13.49 2.20
CA PRO A 283 5.95 14.45 1.26
C PRO A 283 5.04 15.10 0.24
N PHE A 284 3.86 14.53 0.04
CA PHE A 284 2.90 15.10 -0.88
C PHE A 284 1.88 15.97 -0.19
N SER A 285 2.08 16.17 1.11
CA SER A 285 1.10 16.91 1.98
C SER A 285 1.73 18.25 2.43
N VAL A 286 0.93 19.30 2.42
CA VAL A 286 1.33 20.54 3.09
C VAL A 286 0.15 21.10 3.86
N SER A 287 0.36 21.44 5.11
CA SER A 287 -0.75 21.90 5.94
C SER A 287 -1.06 23.39 5.64
N GLU A 288 -2.31 23.75 5.96
CA GLU A 288 -2.72 25.14 5.79
C GLU A 288 -1.90 26.15 6.55
N THR A 289 -1.21 25.72 7.60
CA THR A 289 -0.38 26.64 8.40
C THR A 289 1.09 26.63 8.02
N SER A 290 1.50 25.71 7.11
CA SER A 290 2.91 25.51 6.84
C SER A 290 3.55 26.71 6.18
N ASP A 291 4.83 26.87 6.41
CA ASP A 291 5.55 27.87 5.63
C ASP A 291 5.50 27.58 4.11
N VAL A 292 5.73 26.34 3.73
CA VAL A 292 5.80 26.03 2.32
C VAL A 292 4.48 26.35 1.64
N PHE A 293 3.33 26.02 2.25
CA PHE A 293 2.04 26.32 1.58
C PHE A 293 1.86 27.86 1.50
N ASN A 294 2.09 28.52 2.59
CA ASN A 294 1.76 29.96 2.64
C ASN A 294 2.79 30.73 1.82
N GLU A 295 3.99 30.20 1.61
CA GLU A 295 4.92 30.76 0.62
C GLU A 295 4.60 30.50 -0.85
N HIS A 296 3.93 29.38 -1.13
CA HIS A 296 3.71 28.83 -2.48
C HIS A 296 2.31 28.30 -2.61
N PRO A 297 1.32 29.19 -2.53
CA PRO A 297 -0.08 28.75 -2.54
C PRO A 297 -0.51 28.13 -3.86
N ASP A 298 0.24 28.36 -4.91
CA ASP A 298 -0.08 27.80 -6.23
C ASP A 298 0.53 26.41 -6.41
N TRP A 299 1.16 25.88 -5.37
CA TRP A 299 1.79 24.57 -5.51
C TRP A 299 0.83 23.43 -5.25
N VAL A 300 -0.45 23.72 -4.95
CA VAL A 300 -1.37 22.65 -4.46
C VAL A 300 -2.46 22.37 -5.48
N VAL A 301 -3.06 21.20 -5.34
CA VAL A 301 -4.21 20.83 -6.16
C VAL A 301 -5.38 21.71 -5.76
N LYS A 302 -6.16 22.14 -6.78
CA LYS A 302 -7.25 23.07 -6.55
C LYS A 302 -8.63 22.55 -6.93
N GLU A 303 -9.64 23.25 -6.40
CA GLU A 303 -11.02 23.03 -6.75
C GLU A 303 -11.66 24.39 -6.88
N ASN A 304 -12.11 24.71 -8.08
CA ASN A 304 -12.48 26.11 -8.43
C ASN A 304 -11.37 27.13 -8.12
N GLY A 305 -10.13 26.85 -8.53
CA GLY A 305 -9.01 27.77 -8.24
C GLY A 305 -8.58 27.88 -6.78
N GLU A 306 -9.36 27.33 -5.83
CA GLU A 306 -9.01 27.33 -4.39
C GLU A 306 -8.31 26.04 -3.95
N PRO A 307 -7.51 26.10 -2.89
CA PRO A 307 -6.81 24.89 -2.48
C PRO A 307 -7.80 23.81 -2.04
N LYS A 308 -7.63 22.59 -2.54
CA LYS A 308 -8.54 21.53 -2.25
C LYS A 308 -8.10 20.70 -1.05
N MET A 309 -8.93 20.56 -0.05
CA MET A 309 -8.52 19.76 1.10
C MET A 309 -8.32 18.32 0.64
N ALA A 310 -7.15 17.77 0.93
CA ALA A 310 -6.85 16.36 0.61
C ALA A 310 -7.27 15.41 1.74
N TYR A 311 -7.20 15.91 2.98
CA TYR A 311 -7.63 15.23 4.19
C TYR A 311 -7.43 16.20 5.35
N ARG A 312 -8.03 15.89 6.48
N ARG A 312 -8.00 15.84 6.49
CA ARG A 312 -7.84 16.68 7.70
CA ARG A 312 -7.87 16.64 7.71
C ARG A 312 -7.22 15.82 8.76
C ARG A 312 -7.23 15.81 8.80
N ASN A 313 -6.09 16.28 9.25
CA ASN A 313 -5.31 15.57 10.26
C ASN A 313 -4.43 16.60 10.97
N TRP A 314 -3.90 16.23 12.13
CA TRP A 314 -3.13 17.20 12.98
C TRP A 314 -4.01 18.40 13.32
N ASN A 315 -5.33 18.15 13.34
CA ASN A 315 -6.35 19.19 13.61
C ASN A 315 -6.24 20.39 12.68
N LYS A 316 -5.97 20.13 11.41
N LYS A 316 -5.83 20.13 11.43
CA LYS A 316 -5.99 21.17 10.42
CA LYS A 316 -5.54 21.14 10.37
C LYS A 316 -6.15 20.64 9.01
C LYS A 316 -6.14 20.64 9.04
N LYS A 317 -6.48 21.55 8.10
CA LYS A 317 -6.67 21.17 6.71
C LYS A 317 -5.32 20.89 6.06
N ILE A 318 -5.25 19.77 5.34
CA ILE A 318 -4.02 19.39 4.65
C ILE A 318 -4.29 19.38 3.15
N TYR A 319 -3.41 20.08 2.43
CA TYR A 319 -3.49 20.22 1.00
C TYR A 319 -2.52 19.29 0.33
N ALA A 320 -2.79 19.01 -0.93
CA ALA A 320 -1.95 18.10 -1.74
C ALA A 320 -1.07 18.90 -2.69
N LEU A 321 0.20 18.52 -2.74
CA LEU A 321 1.10 19.09 -3.71
C LEU A 321 0.65 18.66 -5.11
N ASP A 322 0.69 19.61 -6.04
CA ASP A 322 0.48 19.39 -7.46
C ASP A 322 1.75 18.91 -8.11
N LEU A 323 1.84 17.57 -8.23
CA LEU A 323 3.01 16.92 -8.78
C LEU A 323 3.13 17.03 -10.28
N SER A 324 2.24 17.76 -10.98
CA SER A 324 2.46 18.10 -12.36
C SER A 324 3.39 19.31 -12.51
N LYS A 325 3.63 20.04 -11.42
CA LYS A 325 4.42 21.27 -11.51
C LYS A 325 5.90 21.01 -11.36
N ASP A 326 6.73 21.51 -12.26
CA ASP A 326 8.16 21.31 -12.12
C ASP A 326 8.70 22.01 -10.88
N GLU A 327 8.14 23.16 -10.48
CA GLU A 327 8.64 23.79 -9.25
C GLU A 327 8.50 22.86 -8.03
N VAL A 328 7.38 22.14 -8.01
CA VAL A 328 7.07 21.21 -6.93
C VAL A 328 7.97 20.02 -6.98
N LEU A 329 8.17 19.43 -8.18
CA LEU A 329 9.09 18.29 -8.31
C LEU A 329 10.50 18.71 -7.97
N ASN A 330 10.90 19.93 -8.34
CA ASN A 330 12.25 20.38 -7.98
C ASN A 330 12.44 20.58 -6.48
N TRP A 331 11.40 21.03 -5.79
CA TRP A 331 11.43 21.19 -4.35
C TRP A 331 11.55 19.82 -3.69
N LEU A 332 10.77 18.84 -4.16
CA LEU A 332 10.86 17.45 -3.58
C LEU A 332 12.21 16.91 -3.82
N PHE A 333 12.71 17.11 -5.05
CA PHE A 333 14.06 16.60 -5.35
C PHE A 333 15.08 17.19 -4.43
N ASP A 334 15.06 18.49 -4.26
N ASP A 334 15.06 18.50 -4.28
CA ASP A 334 16.03 19.14 -3.37
CA ASP A 334 16.04 19.17 -3.44
C ASP A 334 15.92 18.62 -1.96
C ASP A 334 15.91 18.77 -1.93
N LEU A 335 14.69 18.51 -1.47
CA LEU A 335 14.45 18.03 -0.09
C LEU A 335 15.07 16.67 0.10
N PHE A 336 14.67 15.71 -0.73
CA PHE A 336 15.15 14.36 -0.54
C PHE A 336 16.64 14.20 -0.84
N SER A 337 17.16 14.95 -1.81
N SER A 337 17.16 14.94 -1.80
CA SER A 337 18.62 14.96 -2.03
CA SER A 337 18.59 14.85 -2.06
C SER A 337 19.32 15.42 -0.78
C SER A 337 19.38 15.50 -0.89
N SER A 338 18.81 16.49 -0.19
CA SER A 338 19.41 17.03 1.06
C SER A 338 19.40 16.00 2.17
N LEU A 339 18.24 15.33 2.34
CA LEU A 339 18.18 14.28 3.33
C LEU A 339 19.20 13.17 3.12
N ARG A 340 19.37 12.73 1.87
CA ARG A 340 20.36 11.73 1.53
C ARG A 340 21.76 12.21 1.86
N LYS A 341 22.02 13.47 1.56
CA LYS A 341 23.36 14.03 1.84
C LYS A 341 23.65 14.06 3.31
N MET A 342 22.64 14.26 4.15
CA MET A 342 22.80 14.26 5.62
C MET A 342 23.14 12.89 6.15
N GLY A 343 22.74 11.86 5.41
CA GLY A 343 23.05 10.47 5.78
C GLY A 343 21.81 9.61 6.03
N TYR A 344 20.60 10.16 5.80
CA TYR A 344 19.44 9.29 5.90
C TYR A 344 19.45 8.29 4.73
N ARG A 345 19.15 7.02 5.02
CA ARG A 345 19.10 6.00 3.99
C ARG A 345 17.81 5.15 4.08
N TYR A 346 16.91 5.55 4.95
CA TYR A 346 15.60 4.87 5.09
C TYR A 346 14.55 5.92 5.21
N PHE A 347 13.59 5.90 4.31
CA PHE A 347 12.59 6.98 4.18
C PHE A 347 11.20 6.37 4.26
N LYS A 348 10.48 6.68 5.32
CA LYS A 348 9.07 6.32 5.46
C LYS A 348 8.30 7.51 4.94
N ILE A 349 7.54 7.32 3.87
CA ILE A 349 6.83 8.43 3.19
C ILE A 349 5.35 8.14 3.28
N ASP A 350 4.64 8.95 4.06
CA ASP A 350 3.30 8.67 4.50
C ASP A 350 2.32 9.57 3.78
N PHE A 351 1.05 9.20 3.90
CA PHE A 351 -0.11 9.90 3.29
C PHE A 351 0.08 10.12 1.78
N LEU A 352 0.65 9.13 1.08
CA LEU A 352 0.97 9.30 -0.31
C LEU A 352 -0.26 9.46 -1.17
N PHE A 353 -1.43 8.99 -0.71
CA PHE A 353 -2.65 9.16 -1.49
C PHE A 353 -2.93 10.64 -1.79
N ALA A 354 -2.46 11.57 -0.98
CA ALA A 354 -2.65 12.99 -1.24
C ALA A 354 -2.19 13.37 -2.61
N GLY A 355 -1.10 12.79 -3.08
CA GLY A 355 -0.54 13.11 -4.38
C GLY A 355 -1.42 12.72 -5.56
N ALA A 356 -2.37 11.81 -5.31
CA ALA A 356 -3.25 11.25 -6.33
C ALA A 356 -4.69 11.71 -6.15
N VAL A 357 -4.96 12.70 -5.30
CA VAL A 357 -6.36 13.12 -5.15
C VAL A 357 -6.87 13.70 -6.45
N PRO A 358 -8.14 13.46 -6.78
CA PRO A 358 -8.67 14.15 -7.96
C PRO A 358 -8.74 15.64 -7.76
N GLY A 359 -8.53 16.38 -8.85
CA GLY A 359 -8.68 17.83 -8.76
C GLY A 359 -7.96 18.52 -9.88
N GLU A 360 -7.87 19.84 -9.79
CA GLU A 360 -7.29 20.68 -10.83
C GLU A 360 -5.77 20.77 -10.59
N ARG A 361 -5.03 20.44 -11.64
CA ARG A 361 -3.57 20.55 -11.62
C ARG A 361 -3.10 21.47 -12.75
N LYS A 362 -1.89 21.99 -12.64
CA LYS A 362 -1.33 22.86 -13.73
C LYS A 362 -1.39 22.18 -15.09
N LYS A 363 -0.96 20.93 -15.19
CA LYS A 363 -0.94 20.24 -16.46
C LYS A 363 -2.18 19.35 -16.49
N ASN A 364 -2.69 19.09 -17.67
CA ASN A 364 -3.88 18.28 -17.79
C ASN A 364 -3.47 16.79 -17.87
N ILE A 365 -3.01 16.27 -16.73
CA ILE A 365 -2.57 14.87 -16.63
C ILE A 365 -3.46 14.27 -15.58
N THR A 366 -3.54 12.93 -15.52
CA THR A 366 -4.37 12.33 -14.53
C THR A 366 -3.69 12.44 -13.14
N PRO A 367 -4.46 12.22 -12.08
CA PRO A 367 -3.84 12.24 -10.75
C PRO A 367 -2.84 11.13 -10.58
N ILE A 368 -3.08 10.01 -11.27
CA ILE A 368 -2.16 8.88 -11.21
C ILE A 368 -0.84 9.21 -11.93
N GLN A 369 -0.92 9.89 -13.09
CA GLN A 369 0.30 10.35 -13.76
C GLN A 369 1.08 11.32 -12.85
N ALA A 370 0.36 12.19 -12.16
CA ALA A 370 0.98 13.15 -11.23
C ALA A 370 1.68 12.42 -10.13
N PHE A 371 0.95 11.47 -9.50
CA PHE A 371 1.55 10.67 -8.44
C PHE A 371 2.83 10.01 -8.87
N ARG A 372 2.79 9.36 -10.03
CA ARG A 372 3.98 8.65 -10.55
C ARG A 372 5.15 9.59 -10.73
N LYS A 373 4.90 10.81 -11.24
CA LYS A 373 6.02 11.75 -11.36
C LYS A 373 6.63 12.07 -9.97
N GLY A 374 5.77 12.28 -8.97
CA GLY A 374 6.27 12.60 -7.60
C GLY A 374 7.10 11.50 -6.99
N ILE A 375 6.62 10.27 -7.05
CA ILE A 375 7.32 9.19 -6.38
CA ILE A 375 7.34 9.17 -6.37
C ILE A 375 8.61 8.85 -7.14
N GLU A 376 8.59 9.02 -8.45
CA GLU A 376 9.80 8.78 -9.25
C GLU A 376 10.86 9.84 -8.92
N THR A 377 10.43 11.05 -8.65
CA THR A 377 11.31 12.14 -8.28
C THR A 377 11.97 11.89 -6.92
N ILE A 378 11.18 11.39 -5.98
CA ILE A 378 11.73 10.99 -4.70
C ILE A 378 12.78 9.89 -4.87
N ARG A 379 12.44 8.88 -5.65
N ARG A 379 12.48 8.87 -5.64
CA ARG A 379 13.36 7.78 -5.93
CA ARG A 379 13.46 7.80 -5.84
C ARG A 379 14.72 8.25 -6.49
C ARG A 379 14.77 8.30 -6.45
N LYS A 380 14.67 9.16 -7.45
CA LYS A 380 15.89 9.69 -8.06
C LYS A 380 16.69 10.45 -7.00
N ALA A 381 16.01 11.18 -6.15
CA ALA A 381 16.67 12.04 -5.19
C ALA A 381 17.42 11.22 -4.17
N VAL A 382 16.77 10.20 -3.62
CA VAL A 382 17.40 9.42 -2.54
C VAL A 382 18.45 8.46 -3.07
N GLY A 383 18.34 8.09 -4.35
CA GLY A 383 19.34 7.19 -4.94
C GLY A 383 18.93 5.74 -4.79
N GLU A 384 19.67 4.88 -5.44
CA GLU A 384 19.40 3.45 -5.46
C GLU A 384 19.61 2.72 -4.16
N ASP A 385 20.57 3.18 -3.37
CA ASP A 385 20.95 2.50 -2.13
C ASP A 385 20.13 2.93 -0.89
N SER A 386 19.13 3.77 -1.10
CA SER A 386 18.26 4.19 0.00
C SER A 386 17.04 3.29 -0.08
N PHE A 387 16.43 3.07 1.09
CA PHE A 387 15.25 2.21 1.19
C PHE A 387 14.05 3.14 1.32
N ILE A 388 13.07 2.96 0.44
CA ILE A 388 11.85 3.77 0.54
C ILE A 388 10.72 2.86 1.00
N LEU A 389 10.07 3.27 2.09
CA LEU A 389 8.89 2.59 2.67
C LEU A 389 7.67 3.47 2.45
N GLY A 390 6.78 3.07 1.56
CA GLY A 390 5.53 3.80 1.31
C GLY A 390 4.49 3.52 2.41
N CYS A 391 3.59 4.48 2.56
N CYS A 391 3.67 4.52 2.73
CA CYS A 391 2.58 4.41 3.61
CA CYS A 391 2.50 4.25 3.55
C CYS A 391 1.39 5.35 3.30
C CYS A 391 1.40 5.23 3.18
N GLY A 392 0.20 4.89 3.64
CA GLY A 392 -1.01 5.58 3.20
C GLY A 392 -1.08 5.77 1.70
N SER A 393 -0.60 4.78 0.94
CA SER A 393 -0.25 4.93 -0.46
C SER A 393 -1.16 4.13 -1.34
N PRO A 394 -1.53 4.70 -2.50
CA PRO A 394 -2.01 3.89 -3.64
C PRO A 394 -1.02 2.76 -3.91
N LEU A 395 -1.53 1.55 -4.11
CA LEU A 395 -0.66 0.40 -4.16
C LEU A 395 -0.02 0.22 -5.55
N LEU A 396 -0.84 -0.04 -6.59
CA LEU A 396 -0.23 -0.34 -7.93
C LEU A 396 0.63 0.77 -8.53
N PRO A 397 0.25 2.05 -8.33
CA PRO A 397 1.13 3.10 -8.89
C PRO A 397 2.48 3.22 -8.23
N ALA A 398 2.65 2.67 -7.02
CA ALA A 398 3.96 2.72 -6.33
C ALA A 398 4.91 1.58 -6.68
N VAL A 399 4.43 0.55 -7.37
CA VAL A 399 5.27 -0.61 -7.65
C VAL A 399 6.36 -0.16 -8.62
N GLY A 400 7.58 -0.56 -8.31
CA GLY A 400 8.76 -0.13 -9.11
C GLY A 400 9.52 1.05 -8.53
N CYS A 401 8.92 1.68 -7.55
N CYS A 401 8.93 1.73 -7.55
CA CYS A 401 9.48 2.84 -6.93
CA CYS A 401 9.53 2.92 -6.91
C CYS A 401 9.88 2.50 -5.49
C CYS A 401 9.81 2.73 -5.40
N VAL A 402 8.90 2.10 -4.69
CA VAL A 402 9.16 1.78 -3.29
C VAL A 402 9.85 0.42 -3.12
N ASP A 403 10.66 0.29 -2.06
CA ASP A 403 11.23 -1.00 -1.64
C ASP A 403 10.34 -1.81 -0.72
N GLY A 404 9.61 -1.08 0.14
CA GLY A 404 8.74 -1.64 1.19
C GLY A 404 7.43 -0.88 1.08
N MET A 405 6.34 -1.51 1.51
CA MET A 405 5.03 -0.82 1.52
C MET A 405 4.20 -1.25 2.70
N ARG A 406 3.68 -0.29 3.46
CA ARG A 406 2.67 -0.62 4.47
C ARG A 406 1.42 -1.09 3.75
N ILE A 407 0.97 -2.28 4.12
CA ILE A 407 -0.16 -2.92 3.48
C ILE A 407 -1.36 -3.08 4.38
N GLY A 408 -1.33 -2.50 5.57
CA GLY A 408 -2.50 -2.51 6.44
C GLY A 408 -2.71 -1.21 7.18
N PRO A 409 -3.87 -1.09 7.85
CA PRO A 409 -4.09 0.06 8.73
C PRO A 409 -3.07 0.01 9.85
N ASP A 410 -2.92 1.15 10.52
CA ASP A 410 -1.98 1.18 11.62
C ASP A 410 -2.28 0.12 12.67
N THR A 411 -1.21 -0.49 13.20
CA THR A 411 -1.32 -1.23 14.42
C THR A 411 -1.54 -0.26 15.61
N ALA A 412 -1.68 -0.79 16.80
CA ALA A 412 -1.89 0.01 17.97
C ALA A 412 -1.54 -0.82 19.18
N PRO A 413 -1.41 -0.16 20.34
CA PRO A 413 -1.08 -0.94 21.56
C PRO A 413 -2.32 -1.58 22.18
N PHE A 414 -3.27 -1.97 21.35
CA PHE A 414 -4.43 -2.77 21.78
C PHE A 414 -4.91 -3.57 20.59
N TRP A 415 -5.61 -4.68 20.88
CA TRP A 415 -6.01 -5.59 19.81
C TRP A 415 -7.12 -5.04 18.97
N GLY A 416 -8.15 -4.52 19.63
CA GLY A 416 -9.30 -4.03 18.93
C GLY A 416 -10.29 -5.15 18.67
N GLU A 417 -10.65 -5.89 19.70
CA GLU A 417 -11.56 -7.05 19.58
C GLU A 417 -12.90 -6.63 19.03
N HIS A 418 -13.37 -5.46 19.44
CA HIS A 418 -14.66 -4.96 18.94
C HIS A 418 -14.59 -3.68 18.11
N ILE A 419 -13.42 -3.36 17.61
CA ILE A 419 -13.23 -2.22 16.79
C ILE A 419 -13.67 -2.47 15.35
N GLU A 420 -14.40 -1.53 14.78
CA GLU A 420 -14.84 -1.60 13.42
C GLU A 420 -13.71 -1.72 12.40
N ASP A 421 -13.95 -2.55 11.38
CA ASP A 421 -13.01 -2.70 10.26
C ASP A 421 -13.17 -1.59 9.27
N ASN A 422 -12.55 -0.43 9.58
CA ASN A 422 -12.80 0.77 8.82
C ASN A 422 -11.50 1.55 8.53
N GLY A 423 -10.36 0.90 8.64
CA GLY A 423 -9.06 1.53 8.33
C GLY A 423 -8.42 2.33 9.47
N ALA A 424 -9.09 2.39 10.62
CA ALA A 424 -8.53 3.06 11.78
C ALA A 424 -7.58 2.14 12.54
N PRO A 425 -6.75 2.71 13.44
CA PRO A 425 -5.75 1.85 14.11
C PRO A 425 -6.33 0.76 15.00
N ALA A 426 -5.75 -0.45 14.89
CA ALA A 426 -6.12 -1.63 15.67
C ALA A 426 -5.26 -2.79 15.26
N ALA A 427 -4.61 -3.47 16.19
CA ALA A 427 -3.69 -4.54 15.80
C ALA A 427 -4.42 -5.69 15.06
N ARG A 428 -5.68 -5.94 15.42
CA ARG A 428 -6.46 -7.02 14.75
C ARG A 428 -6.58 -6.81 13.25
N TRP A 429 -6.95 -5.59 12.84
CA TRP A 429 -7.11 -5.33 11.44
C TRP A 429 -5.83 -5.11 10.68
N ALA A 430 -4.84 -4.55 11.36
CA ALA A 430 -3.49 -4.44 10.77
C ALA A 430 -2.99 -5.83 10.36
N LEU A 431 -3.19 -6.79 11.27
CA LEU A 431 -2.74 -8.15 10.98
C LEU A 431 -3.59 -8.81 9.90
N ARG A 432 -4.89 -8.54 9.90
CA ARG A 432 -5.77 -9.13 8.87
C ARG A 432 -5.25 -8.77 7.50
N ASN A 433 -4.97 -7.47 7.26
CA ASN A 433 -4.45 -7.07 5.97
C ASN A 433 -3.06 -7.65 5.62
N ALA A 434 -2.21 -7.82 6.62
CA ALA A 434 -0.96 -8.51 6.34
C ALA A 434 -1.19 -9.92 5.77
N ILE A 435 -2.22 -10.56 6.25
CA ILE A 435 -2.60 -11.89 5.78
C ILE A 435 -3.25 -11.80 4.42
N THR A 436 -4.25 -10.96 4.25
CA THR A 436 -4.96 -10.99 2.98
C THR A 436 -4.21 -10.37 1.80
N ARG A 437 -3.22 -9.52 2.07
CA ARG A 437 -2.36 -8.99 1.01
C ARG A 437 -0.99 -9.65 1.04
N TYR A 438 -0.89 -10.84 1.63
CA TYR A 438 0.39 -11.52 1.73
C TYR A 438 1.09 -11.71 0.38
N PHE A 439 0.31 -11.93 -0.66
CA PHE A 439 0.83 -12.31 -1.98
C PHE A 439 1.62 -11.18 -2.67
N MET A 440 1.49 -9.95 -2.18
CA MET A 440 2.25 -8.85 -2.72
C MET A 440 3.71 -8.93 -2.30
N HIS A 441 3.94 -9.58 -1.18
CA HIS A 441 5.24 -9.66 -0.60
C HIS A 441 6.24 -10.38 -1.52
N ASP A 442 7.41 -9.79 -1.69
CA ASP A 442 8.47 -10.28 -2.59
C ASP A 442 8.10 -10.31 -4.05
N ARG A 443 7.02 -9.61 -4.41
CA ARG A 443 6.56 -9.53 -5.74
C ARG A 443 6.32 -8.08 -6.16
N PHE A 444 5.54 -7.35 -5.40
CA PHE A 444 5.35 -5.91 -5.62
C PHE A 444 6.53 -5.12 -5.00
N TRP A 445 7.09 -5.65 -3.91
CA TRP A 445 7.90 -4.89 -2.88
C TRP A 445 8.05 -5.83 -1.67
N LEU A 446 8.68 -5.37 -0.59
CA LEU A 446 8.60 -6.04 0.68
C LEU A 446 7.37 -5.54 1.47
N ASN A 447 6.52 -6.45 1.91
CA ASN A 447 5.39 -6.03 2.73
C ASN A 447 5.80 -5.58 4.12
N ASP A 448 5.27 -4.44 4.55
CA ASP A 448 5.43 -3.95 5.89
C ASP A 448 4.09 -4.12 6.62
N PRO A 449 4.05 -5.01 7.60
CA PRO A 449 2.84 -5.30 8.38
C PRO A 449 2.58 -4.39 9.57
N ASP A 450 3.39 -3.36 9.64
CA ASP A 450 3.47 -2.39 10.72
C ASP A 450 4.18 -2.95 11.93
N CYS A 451 4.49 -2.07 12.85
CA CYS A 451 5.48 -2.37 13.85
C CYS A 451 5.00 -3.38 14.90
N LEU A 452 5.98 -4.11 15.44
CA LEU A 452 5.75 -4.95 16.59
C LEU A 452 5.87 -4.11 17.84
N ILE A 453 4.89 -4.26 18.72
CA ILE A 453 4.79 -3.48 19.96
C ILE A 453 4.95 -4.55 21.08
N LEU A 454 6.18 -4.68 21.55
CA LEU A 454 6.59 -5.80 22.39
C LEU A 454 6.85 -5.45 23.86
N ARG A 455 6.65 -4.20 24.22
CA ARG A 455 6.82 -3.77 25.61
C ARG A 455 5.84 -4.47 26.54
N GLU A 456 6.20 -4.50 27.80
CA GLU A 456 5.37 -5.16 28.81
C GLU A 456 4.61 -4.22 29.71
N GLU A 457 4.82 -2.92 29.56
CA GLU A 457 4.10 -1.87 30.28
C GLU A 457 3.67 -0.85 29.27
N LYS A 458 2.70 -0.01 29.67
CA LYS A 458 2.15 1.07 28.81
C LYS A 458 1.61 0.48 27.49
N THR A 459 0.89 -0.61 27.65
CA THR A 459 0.29 -1.34 26.51
C THR A 459 -0.94 -2.09 26.96
N ASP A 460 -1.93 -2.22 26.08
CA ASP A 460 -3.09 -3.02 26.37
C ASP A 460 -3.00 -4.38 25.69
N LEU A 461 -1.87 -4.70 25.05
CA LEU A 461 -1.73 -5.97 24.37
C LEU A 461 -1.33 -7.04 25.38
N THR A 462 -1.89 -8.22 25.19
CA THR A 462 -1.47 -9.37 26.03
C THR A 462 -0.27 -10.08 25.45
N GLN A 463 0.38 -10.94 26.23
CA GLN A 463 1.49 -11.68 25.73
C GLN A 463 1.13 -12.57 24.53
N LYS A 464 -0.03 -13.25 24.59
CA LYS A 464 -0.46 -14.07 23.48
C LYS A 464 -0.68 -13.26 22.20
N GLU A 465 -1.24 -12.07 22.36
CA GLU A 465 -1.45 -11.14 21.21
C GLU A 465 -0.15 -10.72 20.58
N LYS A 466 0.83 -10.43 21.42
CA LYS A 466 2.15 -10.04 20.89
C LYS A 466 2.77 -11.17 20.12
N GLU A 467 2.70 -12.41 20.68
CA GLU A 467 3.19 -13.57 19.99
C GLU A 467 2.49 -13.83 18.67
N LEU A 468 1.17 -13.79 18.70
CA LEU A 468 0.40 -14.08 17.51
C LEU A 468 0.82 -13.08 16.39
N TYR A 469 0.81 -11.79 16.72
CA TYR A 469 1.12 -10.81 15.69
C TYR A 469 2.53 -11.04 15.15
N SER A 470 3.48 -11.18 16.08
CA SER A 470 4.89 -11.19 15.66
C SER A 470 5.25 -12.45 14.89
N TYR A 471 4.83 -13.62 15.40
CA TYR A 471 5.09 -14.85 14.70
C TYR A 471 4.40 -14.93 13.34
N THR A 472 3.17 -14.40 13.20
CA THR A 472 2.54 -14.34 11.92
C THR A 472 3.36 -13.51 10.95
N CYS A 473 3.83 -12.33 11.39
CA CYS A 473 4.65 -11.50 10.53
C CYS A 473 5.95 -12.20 10.14
N GLY A 474 6.54 -12.96 11.05
CA GLY A 474 7.70 -13.72 10.70
C GLY A 474 7.47 -14.83 9.69
N VAL A 475 6.40 -15.58 9.87
CA VAL A 475 6.04 -16.61 8.93
C VAL A 475 5.78 -16.04 7.53
N LEU A 476 5.17 -14.85 7.50
CA LEU A 476 4.92 -14.17 6.26
C LEU A 476 6.16 -13.52 5.59
N ASP A 477 7.30 -13.58 6.26
CA ASP A 477 8.59 -13.08 5.80
C ASP A 477 8.54 -11.56 5.65
N ASN A 478 7.66 -10.92 6.41
CA ASN A 478 7.47 -9.44 6.25
C ASN A 478 8.55 -8.66 6.96
N MET A 479 8.62 -7.35 6.69
N MET A 479 8.60 -7.35 6.72
CA MET A 479 9.48 -6.45 7.45
CA MET A 479 9.55 -6.51 7.43
C MET A 479 9.19 -6.54 8.93
C MET A 479 9.20 -6.45 8.91
N ILE A 480 10.25 -6.49 9.73
CA ILE A 480 10.17 -6.56 11.19
C ILE A 480 10.82 -5.30 11.78
N ILE A 481 9.97 -4.38 12.23
CA ILE A 481 10.34 -3.13 12.87
C ILE A 481 9.67 -3.09 14.22
N GLU A 482 10.41 -2.81 15.29
CA GLU A 482 9.84 -2.71 16.61
C GLU A 482 9.59 -1.23 16.97
N SER A 483 8.52 -0.95 17.69
CA SER A 483 8.22 0.40 18.10
C SER A 483 7.80 0.39 19.58
N ASP A 484 8.76 0.68 20.46
CA ASP A 484 8.59 0.64 21.91
C ASP A 484 9.57 1.61 22.59
N ASP A 485 9.21 2.08 23.78
CA ASP A 485 10.21 2.55 24.75
C ASP A 485 10.99 1.32 25.18
N LEU A 486 12.23 1.23 24.75
CA LEU A 486 13.00 0.01 24.94
C LEU A 486 13.30 -0.35 26.39
N SER A 487 13.28 0.65 27.26
N SER A 487 13.22 0.63 27.28
CA SER A 487 13.32 0.44 28.72
CA SER A 487 13.39 0.34 28.70
C SER A 487 12.29 -0.60 29.17
C SER A 487 12.21 -0.41 29.29
N LEU A 488 11.15 -0.60 28.49
CA LEU A 488 9.93 -1.38 28.88
C LEU A 488 9.78 -2.72 28.18
N VAL A 489 10.80 -3.12 27.44
CA VAL A 489 10.86 -4.40 26.76
C VAL A 489 11.80 -5.25 27.58
N ARG A 490 11.27 -6.33 28.16
CA ARG A 490 12.08 -7.23 29.00
C ARG A 490 12.19 -8.60 28.39
N ASP A 491 12.32 -9.64 29.20
CA ASP A 491 12.65 -10.91 28.64
C ASP A 491 11.59 -11.43 27.64
N HIS A 492 10.29 -11.22 27.91
CA HIS A 492 9.27 -11.81 27.02
C HIS A 492 9.39 -11.16 25.63
N GLY A 493 9.52 -9.84 25.63
CA GLY A 493 9.55 -9.09 24.38
C GLY A 493 10.80 -9.37 23.56
N LYS A 494 11.93 -9.52 24.26
CA LYS A 494 13.16 -9.81 23.58
C LYS A 494 13.12 -11.19 22.97
N LYS A 495 12.54 -12.14 23.70
CA LYS A 495 12.39 -13.50 23.20
C LYS A 495 11.46 -13.57 21.98
N VAL A 496 10.36 -12.82 22.02
CA VAL A 496 9.45 -12.83 20.89
C VAL A 496 10.16 -12.31 19.64
N LEU A 497 10.91 -11.23 19.77
CA LEU A 497 11.65 -10.73 18.67
C LEU A 497 12.61 -11.75 18.08
N LYS A 498 13.45 -12.36 18.93
CA LYS A 498 14.44 -13.33 18.49
C LYS A 498 13.76 -14.47 17.74
N GLU A 499 12.65 -14.94 18.30
CA GLU A 499 11.94 -16.07 17.71
C GLU A 499 11.28 -15.69 16.36
N THR A 500 10.77 -14.46 16.28
CA THR A 500 10.20 -13.95 15.03
C THR A 500 11.25 -13.92 13.94
N LEU A 501 12.46 -13.46 14.25
CA LEU A 501 13.50 -13.33 13.28
C LEU A 501 13.96 -14.68 12.74
N GLU A 502 13.78 -15.73 13.56
CA GLU A 502 14.10 -17.10 13.14
C GLU A 502 13.05 -17.73 12.19
N LEU A 503 11.88 -17.08 12.05
CA LEU A 503 10.84 -17.56 11.19
C LEU A 503 10.87 -16.97 9.80
N LEU A 504 11.74 -15.98 9.63
CA LEU A 504 11.87 -15.30 8.36
C LEU A 504 12.57 -16.15 7.31
N GLY A 505 12.47 -15.72 6.07
CA GLY A 505 13.26 -16.28 4.99
C GLY A 505 12.55 -17.25 4.06
N GLY A 506 11.29 -17.55 4.35
CA GLY A 506 10.62 -18.55 3.56
C GLY A 506 9.75 -17.94 2.50
N ARG A 507 9.10 -18.83 1.77
CA ARG A 507 8.10 -18.47 0.78
C ARG A 507 6.70 -18.78 1.34
N PRO A 508 5.95 -17.75 1.74
CA PRO A 508 4.71 -17.96 2.44
C PRO A 508 3.52 -18.08 1.54
N ARG A 509 2.50 -18.76 2.07
CA ARG A 509 1.20 -18.87 1.43
C ARG A 509 0.12 -18.92 2.49
N VAL A 510 -0.90 -18.11 2.29
CA VAL A 510 -2.12 -18.19 3.11
C VAL A 510 -3.02 -19.19 2.35
N GLN A 511 -3.24 -20.35 2.96
N GLN A 511 -3.23 -20.35 2.98
CA GLN A 511 -3.89 -21.44 2.25
CA GLN A 511 -3.90 -21.46 2.33
C GLN A 511 -5.40 -21.30 2.11
C GLN A 511 -5.35 -21.15 2.02
N ASN A 512 -6.02 -20.52 2.99
CA ASN A 512 -7.46 -20.29 2.94
C ASN A 512 -7.75 -18.80 2.85
N ILE A 513 -7.22 -18.22 1.78
CA ILE A 513 -7.28 -16.76 1.61
C ILE A 513 -8.73 -16.26 1.49
N MET A 514 -9.67 -17.12 1.09
CA MET A 514 -11.09 -16.71 1.02
C MET A 514 -11.91 -16.88 2.33
N SER A 515 -11.20 -17.09 3.42
CA SER A 515 -11.83 -17.24 4.72
C SER A 515 -12.68 -16.05 5.14
N GLU A 516 -13.80 -16.36 5.82
CA GLU A 516 -14.72 -15.30 6.24
C GLU A 516 -14.74 -15.07 7.74
N ASP A 517 -13.94 -15.77 8.53
CA ASP A 517 -14.08 -15.76 10.01
C ASP A 517 -12.78 -15.49 10.82
N LEU A 518 -11.83 -14.85 10.16
CA LEU A 518 -10.51 -14.50 10.78
C LEU A 518 -9.67 -15.66 11.28
N ARG A 519 -9.94 -16.87 10.81
N ARG A 519 -9.99 -16.88 10.82
CA ARG A 519 -9.08 -17.99 11.13
CA ARG A 519 -9.16 -18.06 11.04
C ARG A 519 -8.34 -18.42 9.85
C ARG A 519 -8.34 -18.28 9.78
N TYR A 520 -7.00 -18.36 9.90
CA TYR A 520 -6.17 -18.55 8.72
C TYR A 520 -5.11 -19.60 8.98
N GLU A 521 -4.85 -20.37 7.94
CA GLU A 521 -3.77 -21.34 7.89
C GLU A 521 -2.68 -20.83 6.96
N ILE A 522 -1.49 -20.60 7.50
CA ILE A 522 -0.42 -19.94 6.76
C ILE A 522 0.81 -20.83 6.82
N VAL A 523 1.35 -21.16 5.66
CA VAL A 523 2.55 -21.98 5.60
C VAL A 523 3.70 -21.13 5.04
N SER A 524 4.93 -21.48 5.40
CA SER A 524 6.11 -20.89 4.74
C SER A 524 7.18 -21.93 4.59
N SER A 525 7.63 -22.10 3.35
CA SER A 525 8.62 -23.15 3.06
C SER A 525 10.01 -22.54 3.07
N GLY A 526 10.98 -23.26 3.65
CA GLY A 526 12.38 -22.83 3.58
C GLY A 526 12.72 -21.61 4.43
N THR A 527 12.12 -21.48 5.61
CA THR A 527 12.49 -20.38 6.50
C THR A 527 13.80 -20.72 7.16
N LEU A 528 14.32 -19.84 7.99
CA LEU A 528 15.52 -20.17 8.78
C LEU A 528 15.27 -21.28 9.77
N SER A 529 13.99 -21.57 10.05
CA SER A 529 13.58 -22.68 10.91
C SER A 529 13.00 -23.83 10.09
N GLY A 530 13.31 -23.87 8.79
CA GLY A 530 12.80 -24.89 7.88
C GLY A 530 11.36 -24.61 7.51
N ASN A 531 10.59 -25.67 7.25
CA ASN A 531 9.21 -25.46 6.81
C ASN A 531 8.36 -25.21 8.02
N VAL A 532 7.46 -24.24 7.94
CA VAL A 532 6.66 -23.90 9.12
C VAL A 532 5.20 -23.68 8.71
N LYS A 533 4.36 -23.79 9.71
CA LYS A 533 2.95 -23.57 9.52
C LYS A 533 2.46 -22.87 10.76
N ILE A 534 1.63 -21.84 10.60
CA ILE A 534 0.98 -21.22 11.71
C ILE A 534 -0.51 -21.13 11.39
N VAL A 535 -1.36 -21.52 12.34
CA VAL A 535 -2.77 -21.40 12.18
C VAL A 535 -3.20 -20.40 13.25
N VAL A 536 -3.86 -19.34 12.82
CA VAL A 536 -4.22 -18.23 13.69
C VAL A 536 -5.69 -17.94 13.68
N ASP A 537 -6.22 -17.47 14.81
CA ASP A 537 -7.57 -16.97 14.88
C ASP A 537 -7.56 -15.60 15.54
N LEU A 538 -7.83 -14.57 14.71
CA LEU A 538 -7.70 -13.19 15.19
C LEU A 538 -8.83 -12.76 16.09
N ASN A 539 -9.90 -13.54 16.17
CA ASN A 539 -10.97 -13.22 17.14
C ASN A 539 -10.79 -13.88 18.48
N SER A 540 -10.32 -15.11 18.50
CA SER A 540 -10.00 -15.74 19.76
C SER A 540 -8.62 -15.40 20.27
N ARG A 541 -7.76 -14.83 19.40
CA ARG A 541 -6.38 -14.48 19.72
C ARG A 541 -5.59 -15.70 20.16
N GLU A 542 -5.74 -16.77 19.39
CA GLU A 542 -5.01 -18.02 19.60
C GLU A 542 -4.22 -18.40 18.36
N TYR A 543 -3.17 -19.18 18.52
CA TYR A 543 -2.41 -19.68 17.40
C TYR A 543 -1.80 -21.02 17.72
N HIS A 544 -1.51 -21.74 16.65
CA HIS A 544 -0.75 -22.98 16.71
C HIS A 544 0.35 -22.90 15.71
N LEU A 545 1.58 -23.10 16.16
CA LEU A 545 2.76 -22.91 15.31
C LEU A 545 3.53 -24.24 15.23
N GLU A 546 3.80 -24.68 14.03
CA GLU A 546 4.65 -25.89 13.82
C GLU A 546 5.90 -25.54 13.09
N LYS A 547 7.03 -26.09 13.55
CA LYS A 547 8.34 -25.75 12.99
C LYS A 547 9.05 -27.05 12.74
N GLU A 548 9.70 -27.18 11.59
CA GLU A 548 10.47 -28.40 11.25
C GLU A 548 11.79 -28.54 12.04
#